data_9KEI
#
_entry.id   9KEI
#
_cell.length_a   68.874
_cell.length_b   66.063
_cell.length_c   41.772
_cell.angle_alpha   90.00
_cell.angle_beta   100.01
_cell.angle_gamma   90.00
#
_symmetry.space_group_name_H-M   'P 1 21 1'
#
loop_
_entity.id
_entity.type
_entity.pdbx_description
1 polymer 'Lactoylglutathione lyase'
2 non-polymer 1-(4-hydroxyphenyl)-3-[2-methoxy-3,4-bis(oxidanyl)phenyl]prop-2-en-1-one
3 non-polymer 'TRIETHYLENE GLYCOL'
4 non-polymer 'ZINC ION'
5 non-polymer BETA-MERCAPTOETHANOL
6 water water
#
_entity_poly.entity_id   1
_entity_poly.type   'polypeptide(L)'
_entity_poly.pdbx_seq_one_letter_code
;MAEPQPPSGGLTDEAALSCCSDADPSTKDFLLQQTMLRVKDPKKSLDFYTRVLGMTLIQKCDFPIMKFSLYFLAYEDKND
IPKEKDEKIAWALSRKATLELTHNWGTEDDETQSYHNGNSDPRGFGHIGIAVPDVYSACKRFEELGVKFVKKPDDGKMKG
LAFIQDPDGYWIEILNPNKMATLMLEHHHHHH
;
_entity_poly.pdbx_strand_id   A,B
#
loop_
_chem_comp.id
_chem_comp.type
_chem_comp.name
_chem_comp.formula
A1L5R non-polymer 1-(4-hydroxyphenyl)-3-[2-methoxy-3,4-bis(oxidanyl)phenyl]prop-2-en-1-one 'C16 H14 O5'
BME non-polymer BETA-MERCAPTOETHANOL 'C2 H6 O S'
PGE non-polymer 'TRIETHYLENE GLYCOL' 'C6 H14 O4'
ZN non-polymer 'ZINC ION' 'Zn 2'
#
# COMPACT_ATOMS: atom_id res chain seq x y z
N GLY A 9 3.89 -17.72 20.41
CA GLY A 9 3.66 -16.43 21.09
C GLY A 9 4.32 -15.25 20.39
N GLY A 10 4.87 -15.38 19.18
CA GLY A 10 5.37 -14.16 18.53
C GLY A 10 6.53 -13.51 19.31
N LEU A 11 6.99 -12.36 18.84
CA LEU A 11 8.21 -11.71 19.32
C LEU A 11 7.82 -10.73 20.43
N THR A 12 8.70 -10.57 21.40
CA THR A 12 8.53 -9.51 22.35
C THR A 12 8.92 -8.21 21.66
N ASP A 13 8.45 -7.08 22.23
CA ASP A 13 8.89 -5.77 21.79
C ASP A 13 10.40 -5.70 21.66
N GLU A 14 11.11 -6.06 22.71
CA GLU A 14 12.57 -5.99 22.74
C GLU A 14 13.19 -6.86 21.64
N ALA A 15 12.69 -8.08 21.52
CA ALA A 15 13.22 -8.98 20.52
C ALA A 15 12.94 -8.37 19.14
N ALA A 16 11.74 -7.85 18.89
CA ALA A 16 11.47 -7.30 17.58
C ALA A 16 12.45 -6.17 17.29
N LEU A 17 12.76 -5.32 18.29
CA LEU A 17 13.56 -4.15 17.97
C LEU A 17 15.00 -4.55 17.71
N SER A 18 15.40 -5.62 18.33
CA SER A 18 16.71 -6.22 18.09
C SER A 18 16.92 -6.63 16.62
N CYS A 19 15.81 -6.81 15.89
CA CYS A 19 15.93 -7.32 14.56
C CYS A 19 15.95 -6.16 13.58
N CYS A 20 15.88 -4.93 14.13
CA CYS A 20 15.75 -3.73 13.33
C CYS A 20 17.11 -3.05 13.31
N SER A 21 17.65 -2.81 12.12
CA SER A 21 18.88 -2.06 11.94
C SER A 21 18.57 -0.58 11.63
N ASP A 22 19.46 0.34 12.03
CA ASP A 22 19.34 1.71 11.55
C ASP A 22 19.50 1.74 10.04
N ALA A 23 18.94 2.81 9.47
CA ALA A 23 18.88 3.01 8.05
C ALA A 23 20.29 3.36 7.55
N ASP A 24 20.75 2.68 6.49
CA ASP A 24 21.98 3.07 5.80
C ASP A 24 21.75 4.45 5.19
N PRO A 25 22.76 5.36 5.21
CA PRO A 25 22.60 6.69 4.58
C PRO A 25 22.15 6.67 3.12
N SER A 26 22.52 5.60 2.39
CA SER A 26 22.10 5.54 0.99
C SER A 26 20.59 5.49 0.86
N THR A 27 19.80 5.10 1.89
CA THR A 27 18.36 4.99 1.73
C THR A 27 17.63 6.23 2.27
N LYS A 28 18.39 7.26 2.63
CA LYS A 28 17.81 8.32 3.47
C LYS A 28 16.77 9.13 2.72
N ASP A 29 16.72 9.08 1.39
CA ASP A 29 15.69 9.79 0.65
C ASP A 29 14.61 8.84 0.11
N PHE A 30 14.66 7.56 0.47
CA PHE A 30 13.66 6.62 -0.04
C PHE A 30 12.28 6.96 0.52
N LEU A 31 11.24 6.69 -0.26
CA LEU A 31 9.90 6.86 0.29
C LEU A 31 8.97 5.82 -0.27
N LEU A 32 7.92 5.53 0.50
CA LEU A 32 7.00 4.48 0.16
C LEU A 32 5.90 5.09 -0.71
N GLN A 33 6.06 4.90 -2.01
CA GLN A 33 5.40 5.72 -3.01
C GLN A 33 4.06 5.18 -3.47
N GLN A 34 3.96 3.82 -3.64
CA GLN A 34 2.74 3.26 -4.20
C GLN A 34 2.48 1.88 -3.64
N THR A 35 1.18 1.54 -3.78
CA THR A 35 0.57 0.25 -3.60
C THR A 35 -0.28 -0.02 -4.85
N MET A 36 0.02 -1.11 -5.53
CA MET A 36 -0.59 -1.47 -6.79
C MET A 36 -1.63 -2.57 -6.58
N LEU A 37 -2.83 -2.30 -7.12
CA LEU A 37 -3.94 -3.24 -7.13
C LEU A 37 -4.45 -3.36 -8.56
N ARG A 38 -4.71 -4.60 -9.01
CA ARG A 38 -5.38 -4.74 -10.30
C ARG A 38 -6.90 -4.54 -10.17
N VAL A 39 -7.50 -3.82 -11.14
CA VAL A 39 -8.94 -3.52 -11.06
C VAL A 39 -9.66 -4.01 -12.33
N LYS A 40 -10.76 -4.73 -12.14
CA LYS A 40 -11.54 -5.25 -13.22
C LYS A 40 -12.13 -4.14 -14.10
N ASP A 41 -12.72 -3.14 -13.44
CA ASP A 41 -13.45 -2.08 -14.16
C ASP A 41 -13.00 -0.71 -13.67
N PRO A 42 -12.14 0.00 -14.43
CA PRO A 42 -11.56 1.24 -13.93
C PRO A 42 -12.65 2.33 -13.80
N LYS A 43 -13.75 2.21 -14.52
CA LYS A 43 -14.82 3.22 -14.32
C LYS A 43 -15.38 3.20 -12.90
N LYS A 44 -15.69 1.98 -12.42
CA LYS A 44 -16.26 1.80 -11.12
C LYS A 44 -15.24 2.17 -10.05
N SER A 45 -13.98 1.74 -10.29
CA SER A 45 -12.91 1.96 -9.34
C SER A 45 -12.65 3.46 -9.21
N LEU A 46 -12.45 4.18 -10.30
CA LEU A 46 -12.32 5.65 -10.25
C LEU A 46 -13.45 6.37 -9.50
N ASP A 47 -14.73 6.10 -9.80
CA ASP A 47 -15.89 6.56 -9.07
C ASP A 47 -15.75 6.29 -7.56
N PHE A 48 -15.42 5.07 -7.17
CA PHE A 48 -15.30 4.72 -5.75
C PHE A 48 -14.21 5.52 -5.04
N TYR A 49 -13.00 5.53 -5.62
CA TYR A 49 -11.88 6.12 -4.90
C TYR A 49 -12.04 7.66 -4.84
N THR A 50 -12.71 8.27 -5.82
CA THR A 50 -12.75 9.71 -5.84
C THR A 50 -13.97 10.26 -5.12
N ARG A 51 -15.17 9.72 -5.49
CA ARG A 51 -16.45 10.21 -4.94
C ARG A 51 -16.64 9.65 -3.53
N VAL A 52 -16.43 8.35 -3.31
CA VAL A 52 -16.63 7.77 -1.97
C VAL A 52 -15.49 8.21 -1.03
N LEU A 53 -14.22 7.97 -1.43
CA LEU A 53 -13.14 8.18 -0.50
C LEU A 53 -12.44 9.52 -0.60
N GLY A 54 -12.71 10.31 -1.64
CA GLY A 54 -12.17 11.65 -1.81
C GLY A 54 -10.70 11.72 -2.20
N MET A 55 -10.14 10.64 -2.82
CA MET A 55 -8.87 10.72 -3.51
C MET A 55 -9.00 11.48 -4.81
N THR A 56 -7.83 11.85 -5.34
CA THR A 56 -7.66 12.57 -6.61
C THR A 56 -6.87 11.69 -7.58
N LEU A 57 -7.34 11.58 -8.83
CA LEU A 57 -6.57 11.01 -9.91
C LEU A 57 -5.50 12.01 -10.37
N ILE A 58 -4.24 11.62 -10.19
CA ILE A 58 -3.09 12.49 -10.44
C ILE A 58 -2.32 12.07 -11.68
N GLN A 59 -2.49 10.83 -12.16
CA GLN A 59 -1.83 10.46 -13.41
C GLN A 59 -2.47 9.20 -13.96
N LYS A 60 -2.47 9.15 -15.28
CA LYS A 60 -2.93 8.04 -16.04
C LYS A 60 -1.91 7.76 -17.16
N CYS A 61 -1.60 6.48 -17.34
CA CYS A 61 -0.62 5.95 -18.28
C CYS A 61 -1.28 4.80 -19.07
N ASP A 62 -1.21 4.89 -20.38
CA ASP A 62 -1.70 3.80 -21.25
C ASP A 62 -0.56 3.11 -22.02
N PHE A 63 -0.63 1.79 -22.17
CA PHE A 63 0.39 0.96 -22.75
C PHE A 63 -0.24 0.06 -23.77
N PRO A 64 -0.47 0.56 -25.00
CA PRO A 64 -1.33 -0.12 -25.96
C PRO A 64 -0.78 -1.48 -26.39
N ILE A 65 0.54 -1.71 -26.27
CA ILE A 65 1.14 -2.97 -26.66
C ILE A 65 0.86 -4.04 -25.64
N MET A 66 0.94 -3.66 -24.38
CA MET A 66 0.77 -4.59 -23.28
C MET A 66 -0.67 -4.67 -22.82
N LYS A 67 -1.49 -3.80 -23.43
CA LYS A 67 -2.95 -3.72 -23.25
C LYS A 67 -3.27 -3.53 -21.76
N PHE A 68 -2.74 -2.46 -21.22
CA PHE A 68 -3.15 -2.11 -19.87
C PHE A 68 -2.93 -0.62 -19.65
N SER A 69 -3.65 -0.14 -18.61
CA SER A 69 -3.52 1.25 -18.18
C SER A 69 -3.17 1.26 -16.70
N LEU A 70 -2.57 2.38 -16.28
CA LEU A 70 -2.31 2.65 -14.87
C LEU A 70 -3.01 3.98 -14.48
N TYR A 71 -3.67 3.96 -13.33
CA TYR A 71 -4.30 5.16 -12.72
C TYR A 71 -3.65 5.34 -11.33
N PHE A 72 -3.06 6.50 -11.07
CA PHE A 72 -2.46 6.81 -9.79
C PHE A 72 -3.42 7.75 -9.06
N LEU A 73 -3.84 7.33 -7.86
CA LEU A 73 -4.75 8.09 -7.01
C LEU A 73 -3.99 8.52 -5.79
N ALA A 74 -4.29 9.70 -5.28
CA ALA A 74 -3.64 10.14 -4.02
C ALA A 74 -4.51 11.18 -3.33
N TYR A 75 -4.22 11.41 -2.06
CA TYR A 75 -4.84 12.51 -1.32
C TYR A 75 -3.99 13.75 -1.57
N GLU A 76 -4.29 14.35 -2.73
CA GLU A 76 -3.53 15.49 -3.22
C GLU A 76 -4.56 16.48 -3.80
N ASP A 77 -4.27 17.78 -3.65
CA ASP A 77 -5.07 18.85 -4.21
C ASP A 77 -4.88 18.86 -5.72
N LYS A 78 -5.94 18.63 -6.51
CA LYS A 78 -5.81 18.57 -7.98
C LYS A 78 -5.10 19.83 -8.51
N ASN A 79 -5.23 20.95 -7.77
CA ASN A 79 -4.67 22.23 -8.20
C ASN A 79 -3.15 22.29 -8.06
N ASP A 80 -2.56 21.27 -7.45
CA ASP A 80 -1.11 21.11 -7.40
C ASP A 80 -0.58 20.25 -8.53
N ILE A 81 -1.44 19.65 -9.35
CA ILE A 81 -0.94 18.77 -10.36
C ILE A 81 -0.38 19.60 -11.52
N PRO A 82 0.88 19.33 -11.94
CA PRO A 82 1.50 20.03 -13.09
C PRO A 82 0.77 19.88 -14.42
N LYS A 83 0.76 20.98 -15.19
CA LYS A 83 0.12 21.00 -16.50
C LYS A 83 0.98 20.31 -17.55
N GLU A 84 2.31 20.40 -17.47
CA GLU A 84 3.16 19.81 -18.50
C GLU A 84 3.31 18.32 -18.27
N LYS A 85 3.36 17.53 -19.36
CA LYS A 85 3.30 16.07 -19.26
C LYS A 85 4.42 15.45 -18.45
N ASP A 86 5.66 15.80 -18.80
CA ASP A 86 6.83 15.25 -18.12
C ASP A 86 6.88 15.62 -16.63
N GLU A 87 6.69 16.91 -16.35
CA GLU A 87 6.67 17.43 -15.00
C GLU A 87 5.55 16.73 -14.20
N LYS A 88 4.42 16.42 -14.84
CA LYS A 88 3.29 15.77 -14.15
C LYS A 88 3.68 14.35 -13.69
N ILE A 89 4.29 13.55 -14.60
CA ILE A 89 4.76 12.20 -14.26
C ILE A 89 5.78 12.21 -13.11
N ALA A 90 6.74 13.12 -13.19
CA ALA A 90 7.76 13.22 -12.16
C ALA A 90 7.12 13.61 -10.82
N TRP A 91 6.17 14.55 -10.84
CA TRP A 91 5.47 14.94 -9.64
C TRP A 91 4.62 13.78 -9.07
N ALA A 92 3.86 13.11 -9.93
CA ALA A 92 2.94 12.07 -9.49
C ALA A 92 3.69 10.92 -8.87
N LEU A 93 4.76 10.54 -9.53
CA LEU A 93 5.53 9.41 -9.10
C LEU A 93 6.48 9.69 -7.93
N SER A 94 6.52 10.91 -7.45
CA SER A 94 7.30 11.28 -6.30
C SER A 94 6.36 11.57 -5.15
N ARG A 95 5.05 11.43 -5.32
CA ARG A 95 4.15 11.65 -4.21
C ARG A 95 4.15 10.41 -3.30
N LYS A 96 4.04 10.65 -1.99
CA LYS A 96 3.95 9.52 -1.05
C LYS A 96 2.56 8.96 -1.10
N ALA A 97 2.39 7.69 -0.73
CA ALA A 97 1.10 7.12 -0.40
C ALA A 97 0.12 7.27 -1.57
N THR A 98 0.56 6.79 -2.74
CA THR A 98 -0.35 6.68 -3.87
C THR A 98 -0.87 5.26 -3.94
N LEU A 99 -2.00 5.16 -4.64
CA LEU A 99 -2.65 3.95 -5.02
C LEU A 99 -2.54 3.82 -6.54
N GLU A 100 -1.87 2.74 -6.97
CA GLU A 100 -1.78 2.45 -8.39
C GLU A 100 -2.81 1.40 -8.75
N LEU A 101 -3.74 1.77 -9.65
CA LEU A 101 -4.75 0.86 -10.16
C LEU A 101 -4.32 0.38 -11.54
N THR A 102 -4.22 -0.94 -11.73
CA THR A 102 -3.87 -1.49 -13.05
C THR A 102 -5.11 -2.08 -13.72
N HIS A 103 -5.43 -1.66 -14.95
CA HIS A 103 -6.54 -2.13 -15.75
C HIS A 103 -5.99 -2.91 -16.91
N ASN A 104 -6.22 -4.20 -16.88
CA ASN A 104 -5.82 -5.08 -17.95
C ASN A 104 -6.98 -5.02 -18.92
N TRP A 105 -6.74 -4.56 -20.17
CA TRP A 105 -7.86 -4.18 -21.03
C TRP A 105 -8.76 -5.39 -21.29
N GLY A 106 -10.08 -5.18 -21.25
CA GLY A 106 -11.07 -6.22 -21.55
C GLY A 106 -11.59 -6.99 -20.33
N THR A 107 -11.00 -6.84 -19.11
CA THR A 107 -11.56 -7.56 -17.95
C THR A 107 -12.98 -7.14 -17.62
N GLU A 108 -13.33 -5.90 -17.88
CA GLU A 108 -14.66 -5.41 -17.52
C GLU A 108 -15.74 -6.04 -18.39
N ASP A 109 -15.40 -6.61 -19.54
CA ASP A 109 -16.38 -7.28 -20.41
C ASP A 109 -16.49 -8.80 -20.18
N ASP A 110 -15.74 -9.32 -19.19
CA ASP A 110 -15.57 -10.75 -19.01
C ASP A 110 -16.26 -11.13 -17.71
N GLU A 111 -17.51 -11.54 -17.83
CA GLU A 111 -18.23 -12.12 -16.73
C GLU A 111 -17.47 -13.27 -16.06
N THR A 112 -16.47 -13.96 -16.66
CA THR A 112 -15.89 -15.11 -15.93
C THR A 112 -14.74 -14.68 -15.01
N GLN A 113 -14.34 -13.41 -15.09
CA GLN A 113 -13.09 -12.93 -14.50
C GLN A 113 -13.40 -12.13 -13.24
N SER A 114 -12.55 -12.29 -12.21
CA SER A 114 -12.53 -11.40 -11.05
C SER A 114 -11.13 -11.51 -10.48
N TYR A 115 -10.66 -10.49 -9.75
CA TYR A 115 -9.39 -10.54 -9.02
C TYR A 115 -9.64 -11.03 -7.59
N HIS A 116 -8.57 -11.45 -6.95
CA HIS A 116 -8.58 -12.07 -5.63
C HIS A 116 -8.12 -11.05 -4.60
N ASN A 117 -8.82 -10.94 -3.47
CA ASN A 117 -8.53 -9.89 -2.51
C ASN A 117 -7.46 -10.20 -1.47
N GLY A 118 -6.83 -11.40 -1.48
CA GLY A 118 -5.77 -11.76 -0.56
C GLY A 118 -6.25 -12.21 0.84
N ASN A 119 -7.56 -12.22 1.07
CA ASN A 119 -8.14 -12.50 2.37
C ASN A 119 -8.71 -13.89 2.52
N SER A 120 -8.50 -14.73 1.53
CA SER A 120 -8.87 -16.14 1.51
C SER A 120 -7.76 -16.86 0.76
N ASP A 121 -7.74 -18.17 0.90
CA ASP A 121 -6.65 -18.93 0.35
C ASP A 121 -6.55 -18.60 -1.13
N PRO A 122 -5.38 -18.30 -1.72
CA PRO A 122 -4.08 -18.16 -1.04
C PRO A 122 -3.95 -16.74 -0.52
N ARG A 123 -3.57 -16.60 0.76
CA ARG A 123 -3.66 -15.32 1.46
C ARG A 123 -2.35 -14.62 1.20
N GLY A 124 -2.35 -13.27 1.31
CA GLY A 124 -1.11 -12.51 1.33
C GLY A 124 -1.44 -11.05 1.69
N PHE A 125 -1.55 -10.23 0.66
CA PHE A 125 -2.07 -8.89 0.81
C PHE A 125 -3.40 -8.94 1.58
N GLY A 126 -3.60 -8.00 2.50
CA GLY A 126 -4.80 -7.93 3.31
C GLY A 126 -5.68 -6.74 2.97
N HIS A 127 -5.12 -5.53 3.03
CA HIS A 127 -5.94 -4.35 2.93
C HIS A 127 -5.09 -3.12 2.75
N ILE A 128 -5.74 -2.04 2.26
CA ILE A 128 -5.24 -0.69 2.52
C ILE A 128 -6.09 -0.11 3.59
N GLY A 129 -5.57 0.99 4.17
CA GLY A 129 -6.20 1.60 5.33
C GLY A 129 -6.19 3.12 5.21
N ILE A 130 -7.37 3.72 5.44
CA ILE A 130 -7.55 5.16 5.42
C ILE A 130 -7.71 5.67 6.85
N ALA A 131 -6.89 6.63 7.26
CA ALA A 131 -7.08 7.30 8.53
C ALA A 131 -8.12 8.40 8.33
N VAL A 132 -9.18 8.41 9.19
CA VAL A 132 -10.27 9.38 9.15
C VAL A 132 -10.38 10.06 10.51
N PRO A 133 -10.90 11.30 10.61
CA PRO A 133 -11.11 11.92 11.91
C PRO A 133 -12.15 11.24 12.79
N ASP A 134 -13.10 10.53 12.15
CA ASP A 134 -14.24 9.97 12.86
C ASP A 134 -14.75 8.75 12.11
N VAL A 135 -14.57 7.56 12.68
CA VAL A 135 -15.01 6.36 11.96
C VAL A 135 -16.52 6.31 11.83
N TYR A 136 -17.24 6.70 12.89
CA TYR A 136 -18.70 6.60 12.86
C TYR A 136 -19.37 7.56 11.86
N SER A 137 -18.90 8.83 11.75
CA SER A 137 -19.48 9.71 10.75
C SER A 137 -19.12 9.21 9.36
N ALA A 138 -17.85 8.81 9.21
CA ALA A 138 -17.43 8.40 7.87
C ALA A 138 -18.27 7.22 7.41
N CYS A 139 -18.45 6.25 8.31
CA CYS A 139 -19.19 5.05 7.98
C CYS A 139 -20.68 5.33 7.79
N LYS A 140 -21.21 6.37 8.47
CA LYS A 140 -22.59 6.70 8.23
C LYS A 140 -22.78 7.13 6.78
N ARG A 141 -21.86 7.96 6.26
CA ARG A 141 -21.93 8.40 4.87
C ARG A 141 -21.75 7.23 3.90
N PHE A 142 -20.76 6.35 4.17
CA PHE A 142 -20.57 5.18 3.32
C PHE A 142 -21.88 4.41 3.21
N GLU A 143 -22.64 4.33 4.29
CA GLU A 143 -23.90 3.60 4.28
C GLU A 143 -24.95 4.32 3.44
N GLU A 144 -25.04 5.66 3.55
CA GLU A 144 -25.92 6.45 2.70
C GLU A 144 -25.56 6.23 1.22
N LEU A 145 -24.28 6.04 0.90
CA LEU A 145 -23.82 5.82 -0.45
C LEU A 145 -23.95 4.37 -0.91
N GLY A 146 -24.39 3.44 -0.04
CA GLY A 146 -24.51 2.03 -0.39
C GLY A 146 -23.17 1.28 -0.50
N VAL A 147 -22.13 1.72 0.22
CA VAL A 147 -20.89 1.00 0.25
C VAL A 147 -21.12 -0.36 0.90
N LYS A 148 -20.33 -1.31 0.41
CA LYS A 148 -20.35 -2.67 0.88
C LYS A 148 -19.37 -2.76 2.05
N PHE A 149 -19.89 -3.15 3.18
CA PHE A 149 -19.04 -3.30 4.35
C PHE A 149 -18.56 -4.74 4.53
N VAL A 150 -17.35 -4.87 5.04
CA VAL A 150 -16.90 -6.13 5.61
C VAL A 150 -17.11 -6.17 7.12
N LYS A 151 -16.86 -5.06 7.79
CA LYS A 151 -17.06 -5.03 9.23
C LYS A 151 -17.54 -3.64 9.53
N LYS A 152 -18.74 -3.54 10.08
CA LYS A 152 -19.21 -2.23 10.51
C LYS A 152 -18.47 -1.88 11.78
N PRO A 153 -18.42 -0.58 12.14
CA PRO A 153 -17.60 -0.12 13.25
C PRO A 153 -17.92 -0.84 14.57
N ASP A 154 -19.21 -1.13 14.83
CA ASP A 154 -19.59 -1.76 16.08
C ASP A 154 -19.78 -3.29 16.02
N ASP A 155 -19.62 -3.90 14.85
CA ASP A 155 -19.64 -5.36 14.78
C ASP A 155 -18.30 -5.94 15.26
N GLY A 156 -18.35 -7.11 15.87
CA GLY A 156 -17.13 -7.78 16.31
C GLY A 156 -16.60 -7.13 17.59
N LYS A 157 -15.36 -7.47 17.94
CA LYS A 157 -14.81 -7.08 19.24
C LYS A 157 -14.05 -5.77 19.10
N MET A 158 -13.45 -5.53 17.92
CA MET A 158 -12.71 -4.30 17.68
C MET A 158 -13.68 -3.19 17.26
N LYS A 159 -14.44 -2.72 18.27
CA LYS A 159 -15.32 -1.57 18.20
C LYS A 159 -14.58 -0.35 17.68
N GLY A 160 -15.31 0.52 16.98
CA GLY A 160 -14.70 1.74 16.47
C GLY A 160 -13.71 1.54 15.32
N LEU A 161 -13.54 0.31 14.79
CA LEU A 161 -12.71 0.09 13.63
C LEU A 161 -13.60 -0.52 12.54
N ALA A 162 -13.46 -0.08 11.25
CA ALA A 162 -14.31 -0.60 10.19
C ALA A 162 -13.51 -1.14 9.00
N PHE A 163 -14.15 -2.02 8.25
CA PHE A 163 -13.71 -2.44 6.92
C PHE A 163 -14.84 -2.31 5.89
N ILE A 164 -14.52 -1.63 4.78
CA ILE A 164 -15.35 -1.60 3.57
C ILE A 164 -14.63 -2.32 2.44
N GLN A 165 -15.32 -2.47 1.31
CA GLN A 165 -14.82 -3.11 0.11
C GLN A 165 -14.96 -2.18 -1.09
N ASP A 166 -13.89 -2.10 -1.87
CA ASP A 166 -13.99 -1.41 -3.15
C ASP A 166 -14.68 -2.30 -4.17
N PRO A 167 -14.94 -1.78 -5.40
CA PRO A 167 -15.71 -2.54 -6.39
C PRO A 167 -15.13 -3.92 -6.76
N ASP A 168 -13.81 -4.10 -6.63
CA ASP A 168 -13.20 -5.40 -6.83
C ASP A 168 -13.26 -6.31 -5.61
N GLY A 169 -13.77 -5.83 -4.48
CA GLY A 169 -13.79 -6.63 -3.28
C GLY A 169 -12.53 -6.47 -2.41
N TYR A 170 -11.57 -5.62 -2.79
CA TYR A 170 -10.45 -5.36 -1.90
C TYR A 170 -10.92 -4.69 -0.60
N TRP A 171 -10.29 -5.09 0.49
CA TRP A 171 -10.66 -4.53 1.77
C TRP A 171 -9.93 -3.24 2.08
N ILE A 172 -10.66 -2.36 2.77
CA ILE A 172 -10.14 -1.05 3.08
C ILE A 172 -10.52 -0.83 4.51
N GLU A 173 -9.49 -0.69 5.33
CA GLU A 173 -9.70 -0.42 6.73
C GLU A 173 -9.99 1.07 6.93
N ILE A 174 -10.92 1.38 7.81
CA ILE A 174 -11.29 2.76 8.22
C ILE A 174 -10.95 2.92 9.70
N LEU A 175 -9.93 3.70 10.03
CA LEU A 175 -9.43 3.78 11.39
C LEU A 175 -9.31 5.24 11.80
N ASN A 176 -9.46 5.45 13.11
CA ASN A 176 -9.34 6.77 13.69
C ASN A 176 -8.10 6.80 14.54
N PRO A 177 -6.99 7.40 14.14
CA PRO A 177 -5.74 7.25 14.88
C PRO A 177 -5.87 7.76 16.31
N ASN A 178 -6.83 8.65 16.58
CA ASN A 178 -6.89 9.29 17.89
C ASN A 178 -7.85 8.62 18.85
N LYS A 179 -8.51 7.58 18.41
CA LYS A 179 -9.30 6.84 19.36
C LYS A 179 -8.63 5.54 19.66
N MET A 180 -7.62 5.17 18.84
CA MET A 180 -7.16 3.80 18.78
C MET A 180 -6.32 3.48 20.01
N ALA A 181 -6.06 4.48 20.87
CA ALA A 181 -5.54 4.23 22.22
C ALA A 181 -6.66 3.68 23.11
N THR A 182 -7.04 2.40 22.85
CA THR A 182 -7.97 1.53 23.59
C THR A 182 -7.75 0.07 23.12
N LEU A 183 -7.43 -0.10 21.81
CA LEU A 183 -7.02 -1.36 21.16
C LEU A 183 -5.49 -1.58 21.31
N MET A 184 -4.97 -2.74 20.83
CA MET A 184 -3.67 -3.35 21.16
C MET A 184 -3.81 -4.23 22.42
N GLY B 9 -10.10 -1.26 -25.93
CA GLY B 9 -8.81 -0.54 -25.89
C GLY B 9 -8.61 0.33 -24.63
N GLY B 10 -9.25 0.05 -23.50
CA GLY B 10 -9.05 0.94 -22.35
C GLY B 10 -9.66 2.35 -22.48
N LEU B 11 -9.69 3.09 -21.35
CA LEU B 11 -10.38 4.37 -21.30
C LEU B 11 -9.53 5.48 -21.89
N THR B 12 -10.22 6.37 -22.60
CA THR B 12 -9.64 7.66 -22.99
C THR B 12 -9.35 8.48 -21.70
N ASP B 13 -8.44 9.45 -21.84
CA ASP B 13 -8.23 10.44 -20.80
C ASP B 13 -9.55 11.09 -20.40
N GLU B 14 -10.31 11.58 -21.40
CA GLU B 14 -11.58 12.23 -21.11
C GLU B 14 -12.53 11.30 -20.33
N ALA B 15 -12.67 10.03 -20.79
CA ALA B 15 -13.65 9.15 -20.18
C ALA B 15 -13.26 8.81 -18.74
N ALA B 16 -11.96 8.65 -18.52
CA ALA B 16 -11.52 8.38 -17.14
C ALA B 16 -11.84 9.58 -16.22
N LEU B 17 -11.48 10.80 -16.64
CA LEU B 17 -11.75 12.01 -15.87
C LEU B 17 -13.22 12.18 -15.58
N SER B 18 -14.07 11.80 -16.52
CA SER B 18 -15.52 11.89 -16.33
C SER B 18 -16.04 10.90 -15.28
N CYS B 19 -15.23 9.92 -14.90
CA CYS B 19 -15.58 9.03 -13.82
C CYS B 19 -15.05 9.48 -12.46
N CYS B 20 -14.35 10.64 -12.42
CA CYS B 20 -13.79 11.21 -11.21
C CYS B 20 -14.71 12.30 -10.63
N SER B 21 -14.90 12.30 -9.32
CA SER B 21 -15.63 13.37 -8.71
C SER B 21 -14.63 14.18 -7.91
N ASP B 22 -15.08 15.41 -7.59
CA ASP B 22 -14.36 16.23 -6.63
C ASP B 22 -14.43 15.63 -5.22
N ALA B 23 -13.47 16.04 -4.38
CA ALA B 23 -13.39 15.48 -3.05
C ALA B 23 -14.49 16.08 -2.18
N ASP B 24 -15.43 15.27 -1.70
CA ASP B 24 -16.42 15.70 -0.73
C ASP B 24 -15.74 16.21 0.55
N PRO B 25 -16.24 17.30 1.16
CA PRO B 25 -15.65 17.90 2.35
C PRO B 25 -15.57 16.92 3.52
N SER B 26 -16.47 15.93 3.49
CA SER B 26 -16.41 14.92 4.52
C SER B 26 -15.07 14.14 4.54
N THR B 27 -14.29 14.16 3.42
CA THR B 27 -13.07 13.39 3.26
C THR B 27 -11.87 14.31 3.38
N LYS B 28 -12.07 15.59 3.71
CA LYS B 28 -11.00 16.55 3.50
C LYS B 28 -9.77 16.20 4.36
N ASP B 29 -9.93 15.51 5.50
CA ASP B 29 -8.70 15.17 6.23
C ASP B 29 -8.28 13.69 6.13
N PHE B 30 -8.88 12.90 5.27
CA PHE B 30 -8.51 11.49 5.13
C PHE B 30 -7.09 11.41 4.60
N LEU B 31 -6.43 10.32 4.93
CA LEU B 31 -5.09 10.09 4.40
C LEU B 31 -4.89 8.59 4.22
N LEU B 32 -4.04 8.24 3.23
CA LEU B 32 -3.75 6.83 2.99
C LEU B 32 -2.62 6.36 3.92
N GLN B 33 -3.03 5.60 4.92
CA GLN B 33 -2.24 5.43 6.13
C GLN B 33 -1.42 4.15 6.09
N GLN B 34 -1.96 3.09 5.49
CA GLN B 34 -1.32 1.78 5.56
C GLN B 34 -1.65 0.91 4.35
N THR B 35 -0.66 0.03 4.03
CA THR B 35 -0.86 -1.15 3.24
C THR B 35 -0.48 -2.35 4.14
N MET B 36 -1.37 -3.33 4.24
CA MET B 36 -1.13 -4.50 5.08
C MET B 36 -0.75 -5.72 4.26
N LEU B 37 0.34 -6.34 4.71
CA LEU B 37 0.85 -7.59 4.16
C LEU B 37 1.07 -8.60 5.29
N ARG B 38 0.73 -9.86 5.04
CA ARG B 38 0.92 -10.93 5.99
C ARG B 38 2.32 -11.50 5.78
N VAL B 39 3.04 -11.72 6.89
CA VAL B 39 4.43 -12.17 6.83
C VAL B 39 4.59 -13.46 7.63
N LYS B 40 5.29 -14.42 7.02
CA LYS B 40 5.50 -15.72 7.62
C LYS B 40 6.38 -15.61 8.88
N ASP B 41 7.40 -14.72 8.83
CA ASP B 41 8.47 -14.66 9.82
C ASP B 41 8.91 -13.23 10.10
N PRO B 42 8.51 -12.60 11.21
CA PRO B 42 8.70 -11.16 11.37
C PRO B 42 10.17 -10.86 11.46
N LYS B 43 10.93 -11.89 11.92
CA LYS B 43 12.34 -11.73 12.17
C LYS B 43 13.08 -11.42 10.89
N LYS B 44 12.68 -12.13 9.83
CA LYS B 44 13.33 -11.87 8.57
C LYS B 44 12.77 -10.55 7.97
N SER B 45 11.47 -10.36 8.04
CA SER B 45 10.80 -9.19 7.47
C SER B 45 11.33 -7.87 8.06
N LEU B 46 11.44 -7.84 9.38
CA LEU B 46 11.98 -6.67 10.07
C LEU B 46 13.41 -6.41 9.64
N ASP B 47 14.21 -7.47 9.51
CA ASP B 47 15.59 -7.30 9.09
C ASP B 47 15.63 -6.63 7.69
N PHE B 48 14.88 -7.22 6.75
CA PHE B 48 14.84 -6.69 5.40
C PHE B 48 14.36 -5.24 5.27
N TYR B 49 13.18 -4.97 5.83
CA TYR B 49 12.61 -3.65 5.60
C TYR B 49 13.46 -2.59 6.32
N THR B 50 14.11 -2.91 7.48
CA THR B 50 14.94 -1.91 8.20
C THR B 50 16.37 -1.83 7.65
N ARG B 51 17.08 -2.95 7.69
CA ARG B 51 18.45 -2.98 7.24
C ARG B 51 18.62 -2.82 5.72
N VAL B 52 17.78 -3.49 4.90
CA VAL B 52 17.94 -3.40 3.46
C VAL B 52 17.27 -2.16 2.96
N LEU B 53 16.00 -1.93 3.34
CA LEU B 53 15.28 -0.81 2.72
C LEU B 53 15.31 0.51 3.49
N GLY B 54 15.78 0.48 4.72
CA GLY B 54 15.95 1.70 5.53
C GLY B 54 14.68 2.24 6.15
N MET B 55 13.64 1.40 6.30
CA MET B 55 12.47 1.85 7.03
C MET B 55 12.72 1.84 8.52
N THR B 56 11.80 2.45 9.28
CA THR B 56 11.79 2.40 10.74
C THR B 56 10.57 1.65 11.27
N LEU B 57 10.79 0.81 12.32
CA LEU B 57 9.67 0.24 13.02
C LEU B 57 9.16 1.31 13.99
N ILE B 58 7.92 1.72 13.79
CA ILE B 58 7.33 2.82 14.51
C ILE B 58 6.32 2.33 15.54
N GLN B 59 5.79 1.13 15.39
CA GLN B 59 4.74 0.71 16.31
C GLN B 59 4.57 -0.79 16.17
N LYS B 60 4.39 -1.51 17.31
CA LYS B 60 4.12 -2.94 17.33
C LYS B 60 2.96 -3.22 18.26
N CYS B 61 2.01 -4.06 17.84
CA CYS B 61 0.81 -4.33 18.67
C CYS B 61 0.72 -5.83 18.78
N ASP B 62 0.30 -6.39 19.95
CA ASP B 62 0.16 -7.82 20.10
C ASP B 62 -1.21 -8.16 20.67
N PHE B 63 -1.74 -9.32 20.25
CA PHE B 63 -3.14 -9.66 20.41
C PHE B 63 -3.12 -11.11 20.80
N PRO B 64 -2.91 -11.37 22.12
CA PRO B 64 -2.63 -12.69 22.67
C PRO B 64 -3.76 -13.68 22.44
N ILE B 65 -4.99 -13.20 22.38
CA ILE B 65 -6.13 -14.11 22.26
C ILE B 65 -6.24 -14.63 20.84
N MET B 66 -6.10 -13.72 19.86
CA MET B 66 -6.29 -14.02 18.46
C MET B 66 -4.96 -14.52 17.83
N LYS B 67 -3.85 -14.50 18.61
CA LYS B 67 -2.56 -15.04 18.24
C LYS B 67 -1.99 -14.39 16.98
N PHE B 68 -1.96 -13.05 16.94
CA PHE B 68 -1.21 -12.37 15.90
C PHE B 68 -0.52 -11.11 16.44
N SER B 69 0.41 -10.58 15.64
CA SER B 69 1.03 -9.28 15.93
C SER B 69 0.97 -8.41 14.69
N LEU B 70 1.03 -7.09 14.92
CA LEU B 70 1.13 -6.08 13.85
C LEU B 70 2.41 -5.30 14.02
N TYR B 71 3.11 -5.09 12.92
CA TYR B 71 4.30 -4.23 12.91
C TYR B 71 4.09 -3.12 11.87
N PHE B 72 4.31 -1.87 12.32
CA PHE B 72 4.15 -0.74 11.38
C PHE B 72 5.54 -0.19 11.08
N LEU B 73 5.83 -0.14 9.79
CA LEU B 73 7.10 0.30 9.29
C LEU B 73 6.80 1.58 8.56
N ALA B 74 7.72 2.55 8.56
CA ALA B 74 7.53 3.77 7.76
C ALA B 74 8.86 4.47 7.57
N TYR B 75 8.99 5.29 6.52
CA TYR B 75 10.14 6.17 6.40
C TYR B 75 9.93 7.44 7.24
N GLU B 76 10.16 7.28 8.56
CA GLU B 76 10.16 8.33 9.55
C GLU B 76 11.51 8.35 10.30
N ASP B 77 11.87 9.53 10.79
CA ASP B 77 13.02 9.60 11.70
C ASP B 77 12.61 9.02 13.05
N LYS B 78 13.38 8.05 13.54
CA LYS B 78 13.10 7.41 14.82
C LYS B 78 13.11 8.41 15.98
N ASN B 79 13.80 9.54 15.83
CA ASN B 79 13.74 10.59 16.83
C ASN B 79 12.35 11.25 16.93
N ASP B 80 11.45 11.06 15.94
CA ASP B 80 10.15 11.72 15.91
C ASP B 80 9.09 10.83 16.55
N ILE B 81 9.46 9.62 16.88
CA ILE B 81 8.55 8.67 17.50
C ILE B 81 8.30 9.19 18.91
N PRO B 82 7.03 9.54 19.27
CA PRO B 82 6.73 9.91 20.66
C PRO B 82 7.30 8.88 21.63
N LYS B 83 7.62 9.36 22.81
CA LYS B 83 8.22 8.56 23.84
C LYS B 83 7.14 7.80 24.59
N GLU B 84 5.93 8.38 24.63
CA GLU B 84 4.91 7.88 25.52
C GLU B 84 4.00 7.00 24.69
N LYS B 85 3.68 5.84 25.26
CA LYS B 85 2.94 4.77 24.63
C LYS B 85 1.70 5.23 23.83
N ASP B 86 0.77 6.03 24.40
CA ASP B 86 -0.50 6.25 23.73
C ASP B 86 -0.38 7.36 22.69
N GLU B 87 0.43 8.37 22.98
CA GLU B 87 0.71 9.32 21.90
C GLU B 87 1.41 8.60 20.72
N LYS B 88 2.21 7.58 21.04
CA LYS B 88 2.96 6.90 19.98
C LYS B 88 2.00 6.20 19.03
N ILE B 89 0.95 5.55 19.54
CA ILE B 89 -0.06 4.90 18.72
C ILE B 89 -0.75 5.90 17.78
N ALA B 90 -1.09 7.03 18.37
CA ALA B 90 -1.80 8.04 17.64
C ALA B 90 -0.89 8.65 16.59
N TRP B 91 0.39 8.87 16.89
CA TRP B 91 1.28 9.45 15.91
C TRP B 91 1.54 8.39 14.79
N ALA B 92 1.76 7.13 15.21
CA ALA B 92 2.13 6.13 14.21
C ALA B 92 0.97 5.87 13.25
N LEU B 93 -0.25 5.72 13.81
CA LEU B 93 -1.44 5.49 13.03
C LEU B 93 -1.97 6.72 12.33
N SER B 94 -1.24 7.82 12.36
CA SER B 94 -1.62 9.02 11.60
C SER B 94 -0.49 9.36 10.67
N ARG B 95 0.49 8.48 10.52
CA ARG B 95 1.51 8.69 9.49
C ARG B 95 0.99 8.16 8.16
N LYS B 96 1.26 8.95 7.09
CA LYS B 96 1.03 8.50 5.71
C LYS B 96 1.99 7.37 5.36
N ALA B 97 1.58 6.54 4.41
CA ALA B 97 2.47 5.61 3.76
C ALA B 97 3.23 4.70 4.77
N THR B 98 2.50 4.00 5.67
CA THR B 98 3.10 2.94 6.48
C THR B 98 2.81 1.60 5.82
N LEU B 99 3.73 0.66 6.09
CA LEU B 99 3.55 -0.72 5.83
C LEU B 99 3.23 -1.48 7.10
N GLU B 100 2.07 -2.16 7.09
CA GLU B 100 1.62 -2.92 8.25
C GLU B 100 1.87 -4.39 7.94
N LEU B 101 2.72 -5.02 8.72
CA LEU B 101 2.98 -6.44 8.50
C LEU B 101 2.25 -7.21 9.60
N THR B 102 1.47 -8.19 9.17
CA THR B 102 0.75 -9.03 10.15
C THR B 102 1.45 -10.39 10.28
N HIS B 103 1.77 -10.82 11.54
CA HIS B 103 2.37 -12.12 11.78
C HIS B 103 1.36 -12.98 12.53
N ASN B 104 0.73 -13.94 11.84
CA ASN B 104 -0.08 -14.95 12.50
C ASN B 104 0.89 -15.89 13.27
N TRP B 105 0.85 -15.91 14.60
CA TRP B 105 1.81 -16.72 15.36
C TRP B 105 1.81 -18.16 14.89
N GLY B 106 2.98 -18.72 14.63
CA GLY B 106 3.14 -20.15 14.31
C GLY B 106 3.58 -20.42 12.87
N THR B 107 3.37 -19.45 11.98
CA THR B 107 3.57 -19.65 10.58
C THR B 107 5.06 -19.85 10.32
N GLU B 108 5.92 -19.31 11.21
CA GLU B 108 7.35 -19.30 10.94
C GLU B 108 7.96 -20.71 11.17
N ASP B 109 7.19 -21.56 11.85
CA ASP B 109 7.53 -22.96 12.10
C ASP B 109 6.44 -23.84 11.51
N ASP B 110 6.01 -23.50 10.28
CA ASP B 110 5.08 -24.34 9.55
C ASP B 110 5.66 -24.46 8.14
N GLU B 111 6.26 -25.64 7.91
CA GLU B 111 6.85 -25.94 6.62
C GLU B 111 5.80 -25.99 5.52
N THR B 112 4.50 -26.22 5.82
CA THR B 112 3.49 -26.32 4.77
C THR B 112 2.71 -25.00 4.54
N GLN B 113 3.24 -23.88 5.05
CA GLN B 113 2.56 -22.59 4.96
C GLN B 113 3.45 -21.62 4.19
N SER B 114 2.82 -20.82 3.32
CA SER B 114 3.48 -19.69 2.66
C SER B 114 2.41 -18.74 2.16
N TYR B 115 2.74 -17.46 2.09
CA TYR B 115 1.83 -16.45 1.60
C TYR B 115 2.06 -16.24 0.10
N HIS B 116 1.01 -15.75 -0.56
CA HIS B 116 1.01 -15.61 -2.01
C HIS B 116 1.18 -14.13 -2.39
N ASN B 117 1.99 -13.85 -3.43
CA ASN B 117 2.36 -12.46 -3.68
C ASN B 117 1.38 -11.67 -4.56
N GLY B 118 0.38 -12.35 -5.11
CA GLY B 118 -0.65 -11.78 -5.96
C GLY B 118 -0.33 -11.69 -7.48
N ASN B 119 0.87 -12.13 -7.89
CA ASN B 119 1.37 -11.97 -9.26
C ASN B 119 1.22 -13.24 -10.09
N SER B 120 0.77 -14.33 -9.46
CA SER B 120 0.41 -15.54 -10.16
C SER B 120 -1.03 -15.88 -9.80
N ASP B 121 -1.65 -16.71 -10.62
CA ASP B 121 -3.08 -16.91 -10.53
C ASP B 121 -3.32 -17.50 -9.14
N PRO B 122 -4.30 -16.99 -8.36
CA PRO B 122 -5.16 -15.86 -8.72
C PRO B 122 -4.58 -14.50 -8.35
N ARG B 123 -4.54 -13.62 -9.36
CA ARG B 123 -3.91 -12.34 -9.18
C ARG B 123 -4.86 -11.35 -8.51
N GLY B 124 -4.22 -10.31 -7.91
CA GLY B 124 -4.93 -9.13 -7.41
C GLY B 124 -3.97 -8.01 -7.11
N PHE B 125 -3.59 -7.91 -5.82
CA PHE B 125 -2.47 -7.08 -5.35
C PHE B 125 -1.26 -7.44 -6.17
N GLY B 126 -0.51 -6.39 -6.55
CA GLY B 126 0.69 -6.57 -7.35
C GLY B 126 1.98 -6.26 -6.63
N HIS B 127 2.11 -5.08 -6.03
CA HIS B 127 3.36 -4.67 -5.40
C HIS B 127 3.20 -3.40 -4.62
N ILE B 128 4.17 -3.11 -3.71
CA ILE B 128 4.45 -1.79 -3.21
C ILE B 128 5.63 -1.28 -4.02
N GLY B 129 5.84 0.01 -3.97
CA GLY B 129 6.87 0.68 -4.78
C GLY B 129 7.57 1.70 -3.87
N ILE B 130 8.88 1.86 -4.00
CA ILE B 130 9.72 2.79 -3.29
C ILE B 130 10.34 3.66 -4.36
N ALA B 131 10.16 4.97 -4.21
CA ALA B 131 10.87 5.95 -5.00
C ALA B 131 12.26 6.18 -4.43
N VAL B 132 13.26 6.19 -5.32
CA VAL B 132 14.64 6.27 -4.90
C VAL B 132 15.28 7.31 -5.81
N PRO B 133 16.41 7.89 -5.38
CA PRO B 133 17.13 8.80 -6.26
C PRO B 133 17.94 8.19 -7.39
N ASP B 134 18.23 6.89 -7.29
CA ASP B 134 19.24 6.24 -8.11
C ASP B 134 18.97 4.73 -8.13
N VAL B 135 18.19 4.27 -9.16
CA VAL B 135 17.77 2.87 -9.16
C VAL B 135 19.00 1.95 -9.24
N TYR B 136 19.99 2.33 -10.04
CA TYR B 136 21.11 1.43 -10.29
C TYR B 136 21.95 1.25 -9.03
N SER B 137 22.23 2.34 -8.33
CA SER B 137 23.07 2.31 -7.16
C SER B 137 22.30 1.57 -6.07
N ALA B 138 20.99 1.76 -6.00
CA ALA B 138 20.18 1.07 -4.99
C ALA B 138 20.32 -0.44 -5.17
N CYS B 139 20.14 -0.83 -6.41
CA CYS B 139 20.12 -2.22 -6.76
C CYS B 139 21.52 -2.84 -6.75
N LYS B 140 22.60 -2.08 -7.02
CA LYS B 140 23.93 -2.63 -6.75
C LYS B 140 24.10 -3.03 -5.30
N ARG B 141 23.65 -2.17 -4.41
CA ARG B 141 23.65 -2.44 -2.98
C ARG B 141 22.74 -3.63 -2.64
N PHE B 142 21.53 -3.66 -3.20
CA PHE B 142 20.67 -4.81 -2.96
C PHE B 142 21.41 -6.09 -3.39
N GLU B 143 22.05 -6.11 -4.55
CA GLU B 143 22.73 -7.32 -5.00
C GLU B 143 23.82 -7.75 -4.02
N GLU B 144 24.51 -6.77 -3.48
CA GLU B 144 25.62 -7.01 -2.54
C GLU B 144 25.09 -7.65 -1.26
N LEU B 145 23.90 -7.23 -0.84
CA LEU B 145 23.23 -7.73 0.35
C LEU B 145 22.46 -9.04 0.11
N GLY B 146 22.42 -9.59 -1.11
CA GLY B 146 21.87 -10.93 -1.30
C GLY B 146 20.36 -10.88 -1.56
N VAL B 147 19.83 -9.71 -1.96
CA VAL B 147 18.42 -9.55 -2.13
C VAL B 147 17.98 -10.32 -3.39
N LYS B 148 16.82 -10.96 -3.34
CA LYS B 148 16.30 -11.60 -4.55
C LYS B 148 15.58 -10.61 -5.49
N PHE B 149 15.86 -10.66 -6.81
CA PHE B 149 15.21 -9.84 -7.77
C PHE B 149 14.21 -10.57 -8.65
N VAL B 150 13.12 -9.90 -8.91
CA VAL B 150 12.20 -10.29 -10.00
C VAL B 150 12.74 -9.71 -11.29
N LYS B 151 13.21 -8.49 -11.19
CA LYS B 151 13.64 -7.76 -12.40
C LYS B 151 14.79 -6.83 -12.01
N LYS B 152 16.00 -7.11 -12.52
CA LYS B 152 17.09 -6.12 -12.43
C LYS B 152 16.82 -4.91 -13.35
N PRO B 153 17.41 -3.70 -13.03
CA PRO B 153 17.09 -2.48 -13.79
C PRO B 153 17.19 -2.59 -15.31
N ASP B 154 18.20 -3.35 -15.73
CA ASP B 154 18.43 -3.45 -17.16
C ASP B 154 17.81 -4.71 -17.75
N ASP B 155 16.99 -5.48 -17.01
CA ASP B 155 16.35 -6.67 -17.59
C ASP B 155 15.04 -6.29 -18.27
N GLY B 156 14.71 -6.93 -19.41
CA GLY B 156 13.36 -6.72 -19.92
C GLY B 156 13.24 -5.40 -20.69
N LYS B 157 12.01 -5.00 -20.97
CA LYS B 157 11.72 -3.88 -21.85
C LYS B 157 12.06 -2.59 -21.14
N MET B 158 11.58 -2.51 -19.89
CA MET B 158 11.48 -1.24 -19.19
C MET B 158 12.76 -1.05 -18.41
N LYS B 159 13.78 -0.56 -19.12
CA LYS B 159 15.07 -0.23 -18.57
C LYS B 159 14.96 0.89 -17.55
N GLY B 160 15.76 0.77 -16.45
CA GLY B 160 15.83 1.77 -15.40
C GLY B 160 14.89 1.51 -14.23
N LEU B 161 14.01 0.51 -14.37
CA LEU B 161 13.03 0.17 -13.35
C LEU B 161 13.30 -1.23 -12.82
N ALA B 162 13.24 -1.42 -11.49
CA ALA B 162 13.55 -2.72 -10.92
C ALA B 162 12.43 -3.23 -10.04
N PHE B 163 12.35 -4.56 -9.90
CA PHE B 163 11.52 -5.17 -8.87
C PHE B 163 12.30 -6.20 -8.04
N ILE B 164 12.32 -5.99 -6.72
CA ILE B 164 12.91 -6.91 -5.78
C ILE B 164 11.79 -7.66 -5.07
N GLN B 165 12.22 -8.59 -4.18
CA GLN B 165 11.35 -9.48 -3.41
C GLN B 165 11.74 -9.43 -1.95
N ASP B 166 10.72 -9.30 -1.12
CA ASP B 166 10.92 -9.39 0.31
C ASP B 166 11.01 -10.85 0.74
N PRO B 167 11.26 -11.12 2.04
CA PRO B 167 11.37 -12.49 2.55
C PRO B 167 10.19 -13.43 2.29
N ASP B 168 8.98 -12.89 2.14
CA ASP B 168 7.80 -13.63 1.73
C ASP B 168 7.59 -13.70 0.21
N GLY B 169 8.34 -12.96 -0.59
CA GLY B 169 8.19 -13.05 -2.02
C GLY B 169 7.31 -11.94 -2.60
N TYR B 170 6.87 -11.00 -1.71
CA TYR B 170 6.20 -9.82 -2.13
C TYR B 170 7.11 -9.00 -3.06
N TRP B 171 6.53 -8.54 -4.16
CA TRP B 171 7.24 -7.66 -5.13
C TRP B 171 7.30 -6.23 -4.64
N ILE B 172 8.49 -5.63 -4.82
CA ILE B 172 8.75 -4.25 -4.43
C ILE B 172 9.37 -3.60 -5.64
N GLU B 173 8.63 -2.67 -6.23
CA GLU B 173 9.18 -1.88 -7.34
C GLU B 173 10.16 -0.87 -6.78
N ILE B 174 11.23 -0.57 -7.54
CA ILE B 174 12.22 0.43 -7.20
C ILE B 174 12.26 1.35 -8.42
N LEU B 175 11.90 2.61 -8.26
CA LEU B 175 11.72 3.51 -9.38
C LEU B 175 12.31 4.88 -9.00
N ASN B 176 12.77 5.57 -10.03
CA ASN B 176 13.25 6.92 -9.86
C ASN B 176 12.23 7.77 -10.62
N PRO B 177 11.43 8.56 -9.90
CA PRO B 177 10.38 9.38 -10.51
C PRO B 177 10.92 10.25 -11.63
N ASN B 178 12.19 10.68 -11.50
CA ASN B 178 12.71 11.67 -12.42
C ASN B 178 13.26 11.06 -13.69
N LYS B 179 13.48 9.75 -13.73
CA LYS B 179 13.84 9.08 -14.96
C LYS B 179 12.62 8.53 -15.66
N MET B 180 11.55 8.24 -14.91
CA MET B 180 10.27 7.91 -15.51
C MET B 180 9.78 9.14 -16.27
N ALA B 181 9.20 8.92 -17.45
CA ALA B 181 8.97 9.93 -18.48
C ALA B 181 10.01 9.73 -19.57
N THR B 182 11.26 10.18 -19.31
CA THR B 182 12.32 10.21 -20.30
C THR B 182 12.65 8.78 -20.74
N LEU B 183 11.63 8.06 -21.20
CA LEU B 183 11.78 6.65 -21.48
C LEU B 183 10.81 6.27 -22.61
N MET B 184 10.14 5.12 -22.42
CA MET B 184 9.31 4.45 -23.40
C MET B 184 7.88 4.29 -22.85
C1 A1L5R C . -8.00 -7.45 11.30
C2 A1L5R C . -7.60 -6.28 12.12
C3 A1L5R C . -6.33 -5.96 12.33
O1 A1L5R C . -7.13 -8.12 10.77
C4 A1L5R C . -9.45 -7.77 11.06
C5 A1L5R C . -9.85 -8.44 9.89
C6 A1L5R C . -11.18 -8.73 9.63
C7 A1L5R C . -12.16 -8.37 10.55
C8 A1L5R C . -11.79 -7.73 11.73
C9 A1L5R C . -10.46 -7.43 11.98
O2 A1L5R C . -13.48 -8.66 10.33
C10 A1L5R C . -5.91 -4.62 12.70
C11 A1L5R C . -5.29 -3.75 11.76
C12 A1L5R C . -4.99 -2.44 12.09
C13 A1L5R C . -5.23 -1.98 13.39
C14 A1L5R C . -5.84 -2.80 14.33
C15 A1L5R C . -6.19 -4.08 13.96
O3 A1L5R C . -5.02 -4.16 10.48
C16 A1L5R C . -4.40 -5.45 10.32
O4 A1L5R C . -4.86 -0.71 13.70
O5 A1L5R C . -4.40 -1.59 11.20
C1 PGE D . -4.84 12.24 -16.57
O1 PGE D . -3.43 11.97 -16.69
C2 PGE D . -5.11 13.51 -15.78
O2 PGE D . -5.10 13.21 -14.41
C3 PGE D . -4.91 14.28 -13.50
C4 PGE D . -5.34 15.61 -14.03
O4 PGE D . -2.99 18.44 -16.92
C6 PGE D . -3.00 17.95 -15.56
C5 PGE D . -4.35 17.48 -15.10
O3 PGE D . -4.18 16.43 -14.15
ZN ZN E . -4.64 -2.63 9.16
ZN ZN F . 3.96 0.20 -9.88
C1 A1L5R G . 6.93 1.83 -18.12
C2 A1L5R G . 5.87 1.77 -17.10
C3 A1L5R G . 5.58 0.72 -16.35
O1 A1L5R G . 7.46 0.79 -18.59
C4 A1L5R G . 7.42 3.20 -18.45
C5 A1L5R G . 7.23 4.21 -17.51
C6 A1L5R G . 7.62 5.51 -17.74
C7 A1L5R G . 8.23 5.84 -18.94
C8 A1L5R G . 8.43 4.85 -19.89
C9 A1L5R G . 8.03 3.55 -19.65
O2 A1L5R G . 8.64 7.12 -19.21
C10 A1L5R G . 5.21 0.93 -14.96
C11 A1L5R G . 4.49 -0.02 -14.17
C12 A1L5R G . 4.29 0.36 -12.77
C13 A1L5R G . 4.82 1.56 -12.25
C14 A1L5R G . 5.48 2.45 -13.09
C15 A1L5R G . 5.69 2.09 -14.40
O3 A1L5R G . 4.01 -1.18 -14.77
C16 A1L5R G . 4.02 -2.49 -14.23
O4 A1L5R G . 4.64 2.01 -10.97
O5 A1L5R G . 3.61 -0.45 -11.88
C1 PGE H . 10.23 3.94 22.02
O1 PGE H . 8.85 4.19 22.21
C2 PGE H . 10.62 4.12 20.60
O2 PGE H . 9.68 3.40 19.81
C3 PGE H . 10.30 2.58 18.83
C4 PGE H . 9.29 1.73 18.14
O4 PGE H . 6.68 -1.66 19.92
C6 PGE H . 6.81 -0.37 19.51
C5 PGE H . 7.99 -0.27 18.56
O3 PGE H . 8.84 0.73 19.05
C1 BME I . 16.61 -11.09 11.57
C2 BME I . 17.67 -12.09 11.38
O1 BME I . 15.74 -11.52 12.56
S2 BME I . 19.22 -11.21 11.18
#